data_9JQG
#
_entry.id   9JQG
#
_cell.length_a   48.093
_cell.length_b   88.560
_cell.length_c   119.202
_cell.angle_alpha   90.00
_cell.angle_beta   90.00
_cell.angle_gamma   90.00
#
_symmetry.space_group_name_H-M   'P 21 21 21'
#
loop_
_entity.id
_entity.type
_entity.pdbx_description
1 polymer 'Strigolactone esterase D14'
2 non-polymer (3~{S},8~{a}~{S})-3-(2-methylpropyl)-2,3,6,7,8,8~{a}-hexahydropyrrolo[1,2-a]pyrazine-1,4-dione
3 non-polymer GLYCEROL
4 non-polymer 'BENZOIC ACID'
5 non-polymer 1,3-PROPANDIOL
6 non-polymer 1,4-BUTANEDIOL
7 non-polymer S-1,2-PROPANEDIOL
8 water water
#
_entity_poly.entity_id   1
_entity_poly.type   'polypeptide(L)'
_entity_poly.pdbx_seq_one_letter_code
;APSGAKLLQILNVRVVGSGERVVVLSHGFGTDQSAWSRVLPYLTRDHRVVLYDLVCAGSVNPDHFDFRRYDNLDAYVDDL
LAILDALRIPRCAFVGHSVSAMIGILASIRRPDLFAKLVLIGASPRFLNDSDYHGGFELEEIQQVFDAMGANYSAWATGY
APLAVGADVPAAVQEFSRTLFNMRPDISLHVCQTVFKTDLRGVLGMVRAPCVVVQTTRDVSVPASVAAYLKAHLGGRTTV
EFLQTEGHLPHLSAPSLLAQVLRRALARY
;
_entity_poly.pdbx_strand_id   A,B
#
loop_
_chem_comp.id
_chem_comp.type
_chem_comp.name
_chem_comp.formula
A1EBP peptide-like (3~{S},8~{a}~{S})-3-(2-methylpropyl)-2,3,6,7,8,8~{a}-hexahydropyrrolo[1,2-a]pyrazine-1,4-dione 'C11 H18 N2 O2'
BEZ non-polymer 'BENZOIC ACID' 'C7 H6 O2'
BU1 non-polymer 1,4-BUTANEDIOL 'C4 H10 O2'
GOL non-polymer GLYCEROL 'C3 H8 O3'
PDO non-polymer 1,3-PROPANDIOL 'C3 H8 O2'
PGO non-polymer S-1,2-PROPANEDIOL 'C3 H8 O2'
#
# COMPACT_ATOMS: atom_id res chain seq x y z
N ALA A 1 -32.08 -5.05 18.96
CA ALA A 1 -31.40 -5.52 17.77
C ALA A 1 -31.57 -4.53 16.63
N PRO A 2 -30.48 -3.80 16.32
CA PRO A 2 -30.58 -2.73 15.34
C PRO A 2 -31.02 -3.23 13.97
N SER A 3 -31.98 -2.51 13.39
CA SER A 3 -32.42 -2.79 12.04
C SER A 3 -31.27 -2.61 11.06
N GLY A 4 -31.45 -3.15 9.86
CA GLY A 4 -30.54 -2.86 8.78
C GLY A 4 -30.30 -1.38 8.58
N ALA A 5 -31.34 -0.56 8.82
CA ALA A 5 -31.17 0.88 8.69
C ALA A 5 -30.12 1.39 9.67
N LYS A 6 -30.28 1.08 10.96
CA LYS A 6 -29.32 1.58 11.94
C LYS A 6 -27.94 0.94 11.78
N LEU A 7 -27.90 -0.32 11.33
CA LEU A 7 -26.64 -0.95 11.02
C LEU A 7 -25.84 -0.19 9.97
N LEU A 8 -26.50 0.53 9.07
CA LEU A 8 -25.73 1.27 8.07
C LEU A 8 -24.74 2.23 8.73
N GLN A 9 -25.11 2.80 9.87
CA GLN A 9 -24.21 3.68 10.59
C GLN A 9 -23.32 2.92 11.56
N ILE A 10 -23.89 1.97 12.33
CA ILE A 10 -23.15 1.25 13.36
C ILE A 10 -21.96 0.50 12.74
N LEU A 11 -22.18 -0.08 11.55
CA LEU A 11 -21.14 -0.86 10.90
C LEU A 11 -20.42 -0.07 9.81
N ASN A 12 -20.54 1.26 9.82
CA ASN A 12 -19.71 2.12 8.97
C ASN A 12 -19.80 1.73 7.50
N VAL A 13 -21.04 1.56 7.02
CA VAL A 13 -21.21 1.17 5.62
C VAL A 13 -20.79 2.30 4.69
N ARG A 14 -20.05 1.94 3.64
CA ARG A 14 -19.65 2.87 2.59
C ARG A 14 -20.04 2.27 1.26
N VAL A 15 -20.43 3.12 0.31
CA VAL A 15 -20.71 2.69 -1.05
C VAL A 15 -19.93 3.60 -1.98
N VAL A 16 -19.07 3.02 -2.83
CA VAL A 16 -18.16 3.77 -3.68
C VAL A 16 -18.12 3.11 -5.05
N GLY A 17 -17.51 3.79 -6.01
CA GLY A 17 -17.38 3.23 -7.34
C GLY A 17 -18.55 3.60 -8.23
N SER A 18 -18.55 2.99 -9.41
CA SER A 18 -19.56 3.30 -10.41
C SER A 18 -19.95 2.05 -11.15
N GLY A 19 -21.18 2.00 -11.63
CA GLY A 19 -21.61 0.95 -12.52
C GLY A 19 -22.77 0.15 -11.96
N GLU A 20 -23.22 -0.80 -12.78
CA GLU A 20 -24.35 -1.65 -12.45
C GLU A 20 -23.95 -2.83 -11.58
N ARG A 21 -22.73 -3.35 -11.75
CA ARG A 21 -22.27 -4.53 -11.02
C ARG A 21 -21.94 -4.14 -9.58
N VAL A 22 -22.66 -4.71 -8.62
CA VAL A 22 -22.45 -4.45 -7.20
C VAL A 22 -21.58 -5.55 -6.62
N VAL A 23 -20.57 -5.14 -5.86
CA VAL A 23 -19.65 -6.04 -5.19
C VAL A 23 -19.60 -5.65 -3.73
N VAL A 24 -19.79 -6.62 -2.84
CA VAL A 24 -19.63 -6.40 -1.40
C VAL A 24 -18.27 -6.92 -0.97
N LEU A 25 -17.52 -6.12 -0.21
CA LEU A 25 -16.24 -6.53 0.35
C LEU A 25 -16.41 -6.66 1.84
N SER A 26 -16.14 -7.86 2.37
CA SER A 26 -16.38 -8.21 3.77
C SER A 26 -15.07 -8.72 4.36
N HIS A 27 -14.54 -7.98 5.32
CA HIS A 27 -13.21 -8.23 5.86
C HIS A 27 -13.16 -9.41 6.84
N GLY A 28 -11.94 -9.81 7.18
CA GLY A 28 -11.71 -10.96 8.02
C GLY A 28 -11.35 -10.60 9.46
N PHE A 29 -10.92 -11.62 10.19
CA PHE A 29 -10.56 -11.47 11.58
C PHE A 29 -9.39 -10.52 11.76
N GLY A 30 -9.50 -9.63 12.74
CA GLY A 30 -8.38 -8.80 13.12
C GLY A 30 -8.20 -7.55 12.29
N THR A 31 -9.11 -7.28 11.35
CA THR A 31 -9.03 -6.11 10.48
C THR A 31 -10.37 -5.36 10.55
N ASP A 32 -10.46 -4.31 9.75
CA ASP A 32 -11.72 -3.63 9.50
C ASP A 32 -11.76 -3.40 8.00
N GLN A 33 -12.68 -2.57 7.52
CA GLN A 33 -12.80 -2.41 6.08
C GLN A 33 -11.59 -1.73 5.47
N SER A 34 -10.74 -1.05 6.28
CA SER A 34 -9.53 -0.45 5.72
C SER A 34 -8.58 -1.50 5.15
N ALA A 35 -8.72 -2.77 5.53
CA ALA A 35 -7.91 -3.81 4.91
C ALA A 35 -8.10 -3.88 3.40
N TRP A 36 -9.24 -3.41 2.88
CA TRP A 36 -9.50 -3.42 1.44
C TRP A 36 -8.93 -2.21 0.74
N SER A 37 -8.30 -1.28 1.47
CA SER A 37 -7.90 0.01 0.87
C SER A 37 -6.97 -0.16 -0.33
N ARG A 38 -6.02 -1.10 -0.25
CA ARG A 38 -5.03 -1.22 -1.32
C ARG A 38 -5.60 -1.88 -2.56
N VAL A 39 -6.59 -2.76 -2.43
CA VAL A 39 -7.17 -3.37 -3.62
C VAL A 39 -8.38 -2.61 -4.16
N LEU A 40 -9.04 -1.79 -3.32
CA LEU A 40 -10.26 -1.11 -3.74
C LEU A 40 -10.14 -0.31 -5.04
N PRO A 41 -9.08 0.46 -5.30
CA PRO A 41 -9.03 1.22 -6.57
C PRO A 41 -8.95 0.37 -7.82
N TYR A 42 -8.62 -0.92 -7.70
CA TYR A 42 -8.64 -1.81 -8.84
C TYR A 42 -10.06 -2.24 -9.21
N LEU A 43 -11.05 -1.92 -8.37
CA LEU A 43 -12.44 -2.29 -8.65
C LEU A 43 -13.35 -1.11 -8.94
N THR A 44 -13.07 0.09 -8.41
CA THR A 44 -14.09 1.13 -8.37
C THR A 44 -14.30 1.86 -9.70
N ARG A 45 -13.46 1.65 -10.72
CA ARG A 45 -13.73 2.28 -12.01
C ARG A 45 -14.97 1.69 -12.66
N ASP A 46 -15.27 0.41 -12.41
CA ASP A 46 -16.35 -0.21 -13.14
C ASP A 46 -17.16 -1.19 -12.29
N HIS A 47 -17.08 -1.07 -10.97
CA HIS A 47 -17.96 -1.76 -10.04
C HIS A 47 -18.44 -0.79 -8.98
N ARG A 48 -19.65 -1.02 -8.49
CA ARG A 48 -20.19 -0.31 -7.34
C ARG A 48 -19.86 -1.17 -6.12
N VAL A 49 -19.07 -0.64 -5.19
CA VAL A 49 -18.50 -1.46 -4.13
C VAL A 49 -19.11 -1.05 -2.80
N VAL A 50 -19.64 -2.03 -2.08
CA VAL A 50 -20.16 -1.85 -0.73
C VAL A 50 -19.14 -2.39 0.25
N LEU A 51 -18.75 -1.56 1.22
CA LEU A 51 -17.84 -1.96 2.29
C LEU A 51 -18.53 -1.76 3.63
N TYR A 52 -18.15 -2.58 4.60
CA TYR A 52 -18.69 -2.41 5.95
C TYR A 52 -17.74 -3.09 6.93
N ASP A 53 -17.94 -2.77 8.21
CA ASP A 53 -17.16 -3.38 9.29
C ASP A 53 -17.99 -4.46 9.94
N LEU A 54 -17.39 -5.62 10.22
CA LEU A 54 -18.04 -6.59 11.08
C LEU A 54 -18.21 -5.98 12.47
N VAL A 55 -19.22 -6.43 13.20
CA VAL A 55 -19.51 -5.83 14.51
C VAL A 55 -18.32 -5.94 15.47
N CYS A 56 -17.43 -6.91 15.26
CA CYS A 56 -16.29 -7.13 16.13
C CYS A 56 -15.08 -6.26 15.80
N ALA A 57 -15.14 -5.48 14.72
CA ALA A 57 -14.01 -4.63 14.36
C ALA A 57 -13.79 -3.56 15.43
N GLY A 58 -12.53 -3.18 15.63
CA GLY A 58 -12.23 -2.12 16.59
C GLY A 58 -12.82 -0.77 16.23
N SER A 59 -13.15 -0.55 14.97
CA SER A 59 -13.76 0.68 14.49
C SER A 59 -15.26 0.74 14.71
N VAL A 60 -15.84 -0.32 15.26
CA VAL A 60 -17.24 -0.34 15.68
C VAL A 60 -17.27 -0.16 17.18
N ASN A 61 -18.18 0.68 17.67
CA ASN A 61 -18.32 0.90 19.10
C ASN A 61 -18.49 -0.46 19.82
N PRO A 62 -17.59 -0.80 20.75
CA PRO A 62 -17.68 -2.10 21.42
C PRO A 62 -18.93 -2.27 22.23
N ASP A 63 -19.62 -1.17 22.58
CA ASP A 63 -20.89 -1.33 23.28
C ASP A 63 -21.95 -2.02 22.41
N HIS A 64 -21.77 -2.08 21.08
CA HIS A 64 -22.73 -2.80 20.26
C HIS A 64 -22.50 -4.30 20.23
N PHE A 65 -21.37 -4.78 20.74
CA PHE A 65 -21.11 -6.21 20.63
C PHE A 65 -21.96 -6.97 21.63
N ASP A 66 -22.68 -7.97 21.13
CA ASP A 66 -23.59 -8.78 21.93
C ASP A 66 -22.97 -10.17 22.03
N PHE A 67 -22.47 -10.53 23.22
CA PHE A 67 -21.77 -11.79 23.40
C PHE A 67 -22.67 -13.01 23.30
N ARG A 68 -23.99 -12.85 23.44
CA ARG A 68 -24.89 -13.97 23.17
C ARG A 68 -25.12 -14.12 21.67
N ARG A 69 -25.67 -13.07 21.05
CA ARG A 69 -26.05 -13.08 19.63
C ARG A 69 -24.92 -13.59 18.75
N TYR A 70 -23.72 -13.02 18.91
CA TYR A 70 -22.61 -13.26 18.00
C TYR A 70 -21.75 -14.47 18.38
N ASP A 71 -22.26 -15.38 19.21
CA ASP A 71 -21.49 -16.60 19.44
C ASP A 71 -21.77 -17.62 18.36
N ASN A 72 -22.47 -17.20 17.31
CA ASN A 72 -22.72 -18.03 16.14
CA ASN A 72 -22.72 -18.03 16.14
C ASN A 72 -22.60 -17.15 14.91
N LEU A 73 -22.04 -17.70 13.84
CA LEU A 73 -21.89 -16.86 12.65
C LEU A 73 -23.22 -16.47 12.04
N ASP A 74 -24.32 -17.14 12.38
CA ASP A 74 -25.60 -16.75 11.78
C ASP A 74 -25.96 -15.30 12.11
N ALA A 75 -25.54 -14.78 13.27
CA ALA A 75 -25.84 -13.40 13.60
C ALA A 75 -25.07 -12.41 12.72
N TYR A 76 -23.85 -12.77 12.32
CA TYR A 76 -23.11 -11.92 11.39
C TYR A 76 -23.77 -11.94 10.02
N VAL A 77 -24.31 -13.10 9.63
CA VAL A 77 -25.08 -13.19 8.38
C VAL A 77 -26.28 -12.25 8.45
N ASP A 78 -27.01 -12.26 9.58
CA ASP A 78 -28.16 -11.37 9.73
C ASP A 78 -27.78 -9.92 9.45
N ASP A 79 -26.61 -9.48 9.95
CA ASP A 79 -26.19 -8.09 9.78
C ASP A 79 -25.92 -7.79 8.31
N LEU A 80 -25.20 -8.68 7.63
CA LEU A 80 -24.92 -8.50 6.21
C LEU A 80 -26.21 -8.37 5.40
N LEU A 81 -27.14 -9.30 5.60
CA LEU A 81 -28.40 -9.26 4.85
C LEU A 81 -29.19 -8.02 5.18
N ALA A 82 -29.18 -7.58 6.45
CA ALA A 82 -29.92 -6.37 6.81
C ALA A 82 -29.36 -5.15 6.10
N ILE A 83 -28.03 -5.07 5.96
CA ILE A 83 -27.41 -3.95 5.24
C ILE A 83 -27.83 -3.96 3.78
N LEU A 84 -27.75 -5.13 3.13
CA LEU A 84 -28.07 -5.21 1.71
C LEU A 84 -29.53 -4.91 1.47
N ASP A 85 -30.40 -5.37 2.38
CA ASP A 85 -31.83 -5.08 2.25
C ASP A 85 -32.09 -3.60 2.48
N ALA A 86 -31.39 -2.98 3.44
CA ALA A 86 -31.57 -1.54 3.68
C ALA A 86 -31.13 -0.74 2.47
N LEU A 87 -30.04 -1.14 1.82
CA LEU A 87 -29.54 -0.46 0.64
C LEU A 87 -30.37 -0.77 -0.60
N ARG A 88 -31.35 -1.67 -0.50
CA ARG A 88 -32.24 -2.05 -1.61
C ARG A 88 -31.43 -2.66 -2.76
N ILE A 89 -30.48 -3.51 -2.41
CA ILE A 89 -29.63 -4.20 -3.38
C ILE A 89 -30.20 -5.60 -3.56
N PRO A 90 -30.73 -5.94 -4.73
CA PRO A 90 -31.34 -7.27 -4.92
C PRO A 90 -30.37 -8.33 -5.40
N ARG A 91 -29.19 -7.94 -5.88
CA ARG A 91 -28.26 -8.89 -6.49
C ARG A 91 -26.87 -8.31 -6.40
N CYS A 92 -25.90 -9.13 -6.00
CA CYS A 92 -24.54 -8.65 -5.87
C CYS A 92 -23.57 -9.83 -5.98
N ALA A 93 -22.31 -9.50 -6.18
CA ALA A 93 -21.23 -10.45 -5.91
C ALA A 93 -20.70 -10.15 -4.51
N PHE A 94 -20.19 -11.17 -3.84
CA PHE A 94 -19.69 -11.04 -2.47
C PHE A 94 -18.26 -11.55 -2.40
N VAL A 95 -17.37 -10.74 -1.84
CA VAL A 95 -15.98 -11.11 -1.61
C VAL A 95 -15.75 -11.13 -0.11
N GLY A 96 -15.37 -12.28 0.41
CA GLY A 96 -15.15 -12.43 1.85
C GLY A 96 -13.81 -13.04 2.16
N HIS A 97 -13.14 -12.48 3.16
CA HIS A 97 -11.87 -13.00 3.67
C HIS A 97 -12.11 -13.69 4.99
N SER A 98 -11.54 -14.88 5.18
CA SER A 98 -11.44 -15.43 6.55
C SER A 98 -12.85 -15.68 7.08
N VAL A 99 -13.20 -15.18 8.26
CA VAL A 99 -14.54 -15.38 8.82
C VAL A 99 -15.61 -14.91 7.85
N SER A 100 -15.33 -13.87 7.04
CA SER A 100 -16.33 -13.40 6.09
C SER A 100 -16.54 -14.34 4.94
N ALA A 101 -15.57 -15.20 4.62
CA ALA A 101 -15.84 -16.26 3.65
C ALA A 101 -16.90 -17.21 4.19
N MET A 102 -16.83 -17.53 5.48
CA MET A 102 -17.84 -18.38 6.11
C MET A 102 -19.20 -17.68 6.13
N ILE A 103 -19.20 -16.39 6.49
CA ILE A 103 -20.44 -15.61 6.47
C ILE A 103 -21.05 -15.61 5.08
N GLY A 104 -20.21 -15.46 4.04
CA GLY A 104 -20.74 -15.45 2.68
C GLY A 104 -21.35 -16.77 2.25
N ILE A 105 -20.70 -17.87 2.61
CA ILE A 105 -21.29 -19.19 2.37
C ILE A 105 -22.68 -19.27 3.00
N LEU A 106 -22.78 -18.90 4.28
CA LEU A 106 -24.07 -19.00 4.98
C LEU A 106 -25.09 -18.04 4.39
N ALA A 107 -24.66 -16.82 4.03
CA ALA A 107 -25.60 -15.85 3.47
C ALA A 107 -26.15 -16.34 2.13
N SER A 108 -25.33 -17.00 1.32
CA SER A 108 -25.76 -17.48 0.01
C SER A 108 -26.76 -18.62 0.13
N ILE A 109 -26.74 -19.35 1.24
CA ILE A 109 -27.76 -20.36 1.52
C ILE A 109 -29.04 -19.70 2.04
N ARG A 110 -28.88 -18.66 2.86
CA ARG A 110 -30.03 -17.98 3.43
C ARG A 110 -30.83 -17.26 2.35
N ARG A 111 -30.14 -16.67 1.37
CA ARG A 111 -30.76 -15.79 0.38
C ARG A 111 -30.15 -16.08 -0.98
N PRO A 112 -30.48 -17.22 -1.57
CA PRO A 112 -29.75 -17.63 -2.78
C PRO A 112 -29.90 -16.67 -3.96
N ASP A 113 -31.02 -15.95 -4.06
CA ASP A 113 -31.19 -15.06 -5.21
C ASP A 113 -30.38 -13.78 -5.08
N LEU A 114 -29.88 -13.47 -3.89
CA LEU A 114 -29.15 -12.25 -3.67
C LEU A 114 -27.70 -12.33 -4.12
N PHE A 115 -27.10 -13.51 -4.11
CA PHE A 115 -25.67 -13.65 -4.40
C PHE A 115 -25.45 -14.30 -5.76
N ALA A 116 -25.00 -13.50 -6.71
CA ALA A 116 -24.70 -13.98 -8.04
C ALA A 116 -23.37 -14.71 -8.11
N LYS A 117 -22.45 -14.41 -7.19
CA LYS A 117 -21.13 -14.99 -7.22
C LYS A 117 -20.49 -14.78 -5.85
N LEU A 118 -19.71 -15.75 -5.41
CA LEU A 118 -18.94 -15.65 -4.18
C LEU A 118 -17.46 -15.73 -4.52
N VAL A 119 -16.67 -14.86 -3.92
CA VAL A 119 -15.22 -14.96 -3.98
C VAL A 119 -14.74 -15.11 -2.55
N LEU A 120 -14.08 -16.21 -2.25
CA LEU A 120 -13.68 -16.57 -0.90
C LEU A 120 -12.16 -16.52 -0.83
N ILE A 121 -11.63 -15.74 0.11
CA ILE A 121 -10.19 -15.57 0.27
C ILE A 121 -9.80 -16.06 1.65
N GLY A 122 -8.77 -16.90 1.71
CA GLY A 122 -8.30 -17.39 3.01
C GLY A 122 -9.37 -18.18 3.72
N ALA A 123 -10.09 -19.03 2.97
CA ALA A 123 -11.35 -19.60 3.41
C ALA A 123 -11.22 -21.06 3.83
N SER A 124 -11.92 -21.42 4.90
CA SER A 124 -11.99 -22.79 5.36
C SER A 124 -13.40 -23.08 5.85
N PRO A 125 -13.93 -24.29 5.64
CA PRO A 125 -15.21 -24.66 6.25
C PRO A 125 -15.05 -25.23 7.64
N ARG A 126 -13.82 -25.52 8.06
CA ARG A 126 -13.58 -26.18 9.34
C ARG A 126 -12.09 -26.21 9.60
N PHE A 127 -11.65 -25.64 10.71
CA PHE A 127 -10.22 -25.59 11.04
C PHE A 127 -9.75 -26.81 11.78
N LEU A 128 -10.61 -27.44 12.58
CA LEU A 128 -10.21 -28.59 13.36
C LEU A 128 -10.11 -29.83 12.48
N ASN A 129 -9.06 -30.62 12.72
CA ASN A 129 -8.93 -31.89 12.03
C ASN A 129 -10.07 -32.82 12.42
N ASP A 130 -10.38 -33.75 11.51
CA ASP A 130 -11.40 -34.75 11.74
C ASP A 130 -10.96 -35.99 10.97
N SER A 131 -11.78 -37.04 11.00
CA SER A 131 -11.46 -38.27 10.28
CA SER A 131 -11.43 -38.26 10.28
C SER A 131 -11.28 -37.98 8.79
N ASP A 132 -10.10 -38.30 8.26
CA ASP A 132 -9.78 -38.07 6.85
C ASP A 132 -10.02 -36.63 6.42
N TYR A 133 -10.13 -35.72 7.37
CA TYR A 133 -10.29 -34.30 7.08
C TYR A 133 -9.16 -33.54 7.77
N HIS A 134 -8.30 -32.94 6.98
CA HIS A 134 -7.18 -32.15 7.50
C HIS A 134 -7.55 -30.67 7.40
N GLY A 135 -7.89 -30.07 8.55
CA GLY A 135 -8.23 -28.67 8.61
C GLY A 135 -7.07 -27.82 9.03
N GLY A 136 -6.08 -28.44 9.69
CA GLY A 136 -4.87 -27.75 10.07
C GLY A 136 -4.64 -27.61 11.56
N PHE A 137 -5.63 -27.91 12.40
CA PHE A 137 -5.53 -27.65 13.83
C PHE A 137 -6.10 -28.79 14.66
N GLU A 138 -5.44 -29.05 15.79
CA GLU A 138 -5.98 -29.93 16.81
C GLU A 138 -6.63 -29.09 17.91
N LEU A 139 -7.49 -29.74 18.70
CA LEU A 139 -8.16 -29.03 19.78
C LEU A 139 -7.17 -28.38 20.74
N GLU A 140 -6.07 -29.07 21.05
CA GLU A 140 -5.14 -28.52 22.03
C GLU A 140 -4.38 -27.33 21.45
N GLU A 141 -4.23 -27.28 20.12
CA GLU A 141 -3.61 -26.11 19.50
C GLU A 141 -4.52 -24.89 19.61
N ILE A 142 -5.80 -25.05 19.28
CA ILE A 142 -6.69 -23.88 19.38
C ILE A 142 -6.88 -23.47 20.84
N GLN A 143 -6.86 -24.42 21.78
CA GLN A 143 -6.99 -24.02 23.19
C GLN A 143 -5.79 -23.19 23.62
N GLN A 144 -4.59 -23.55 23.13
CA GLN A 144 -3.42 -22.75 23.48
C GLN A 144 -3.52 -21.33 22.91
N VAL A 145 -4.11 -21.18 21.72
CA VAL A 145 -4.34 -19.85 21.16
C VAL A 145 -5.23 -19.04 22.09
N PHE A 146 -6.32 -19.65 22.54
CA PHE A 146 -7.23 -18.94 23.43
C PHE A 146 -6.53 -18.54 24.72
N ASP A 147 -5.72 -19.45 25.28
CA ASP A 147 -4.99 -19.15 26.50
C ASP A 147 -4.01 -18.00 26.31
N ALA A 148 -3.30 -18.00 25.17
CA ALA A 148 -2.34 -16.92 24.89
C ALA A 148 -3.06 -15.59 24.70
N MET A 149 -4.16 -15.60 23.94
CA MET A 149 -4.95 -14.41 23.70
C MET A 149 -5.46 -13.81 25.01
N GLY A 150 -5.87 -14.67 25.94
CA GLY A 150 -6.40 -14.19 27.20
C GLY A 150 -5.33 -13.76 28.19
N ALA A 151 -4.17 -14.41 28.14
CA ALA A 151 -3.13 -14.12 29.12
C ALA A 151 -2.34 -12.86 28.79
N ASN A 152 -2.07 -12.64 27.51
CA ASN A 152 -1.27 -11.50 27.07
C ASN A 152 -1.62 -11.17 25.63
N TYR A 153 -2.71 -10.43 25.45
CA TYR A 153 -3.21 -10.15 24.11
C TYR A 153 -2.17 -9.42 23.26
N SER A 154 -1.47 -8.44 23.84
N SER A 154 -1.46 -8.45 23.85
CA SER A 154 -0.50 -7.67 23.07
CA SER A 154 -0.49 -7.67 23.08
C SER A 154 0.65 -8.54 22.58
C SER A 154 0.64 -8.54 22.58
N ALA A 155 1.17 -9.41 23.44
CA ALA A 155 2.25 -10.30 23.03
C ALA A 155 1.76 -11.29 21.98
N TRP A 156 0.56 -11.84 22.17
CA TRP A 156 0.01 -12.76 21.18
C TRP A 156 -0.13 -12.08 19.81
N ALA A 157 -0.70 -10.87 19.79
CA ALA A 157 -0.90 -10.18 18.52
C ALA A 157 0.43 -9.84 17.85
N THR A 158 1.44 -9.45 18.64
CA THR A 158 2.76 -9.15 18.08
C THR A 158 3.38 -10.37 17.43
N GLY A 159 3.23 -11.54 18.04
CA GLY A 159 3.73 -12.76 17.41
C GLY A 159 2.89 -13.23 16.24
N TYR A 160 1.58 -13.02 16.29
CA TYR A 160 0.71 -13.56 15.26
C TYR A 160 0.77 -12.76 13.96
N ALA A 161 0.88 -11.44 14.07
CA ALA A 161 0.76 -10.63 12.86
C ALA A 161 1.74 -11.02 11.77
N PRO A 162 3.05 -11.20 12.04
CA PRO A 162 3.95 -11.63 10.95
C PRO A 162 3.61 -13.00 10.41
N LEU A 163 3.09 -13.91 11.25
CA LEU A 163 2.75 -15.24 10.76
C LEU A 163 1.56 -15.18 9.82
N ALA A 164 0.57 -14.34 10.14
CA ALA A 164 -0.60 -14.19 9.28
C ALA A 164 -0.22 -13.56 7.96
N VAL A 165 0.63 -12.54 7.99
CA VAL A 165 1.06 -11.91 6.75
C VAL A 165 1.92 -12.88 5.94
N GLY A 166 2.82 -13.61 6.61
CA GLY A 166 3.53 -14.68 5.93
C GLY A 166 4.76 -14.21 5.18
N ALA A 167 4.53 -13.48 4.10
CA ALA A 167 5.62 -12.88 3.34
C ALA A 167 6.28 -11.74 4.12
N ASP A 168 7.49 -11.39 3.67
CA ASP A 168 8.27 -10.29 4.25
C ASP A 168 7.80 -8.98 3.63
N VAL A 169 6.69 -8.47 4.16
CA VAL A 169 6.09 -7.21 3.72
C VAL A 169 5.82 -6.39 4.97
N PRO A 170 6.79 -5.58 5.42
CA PRO A 170 6.68 -4.95 6.74
C PRO A 170 5.47 -4.05 6.90
N ALA A 171 5.06 -3.34 5.84
CA ALA A 171 3.87 -2.48 5.95
C ALA A 171 2.61 -3.29 6.17
N ALA A 172 2.52 -4.49 5.60
CA ALA A 172 1.36 -5.33 5.84
C ALA A 172 1.34 -5.82 7.28
N VAL A 173 2.50 -6.15 7.83
CA VAL A 173 2.57 -6.54 9.24
C VAL A 173 2.12 -5.39 10.12
N GLN A 174 2.60 -4.18 9.83
CA GLN A 174 2.22 -3.02 10.63
C GLN A 174 0.73 -2.73 10.51
N GLU A 175 0.17 -2.82 9.29
CA GLU A 175 -1.23 -2.50 9.12
C GLU A 175 -2.14 -3.54 9.78
N PHE A 176 -1.80 -4.82 9.66
CA PHE A 176 -2.58 -5.85 10.33
C PHE A 176 -2.46 -5.73 11.84
N SER A 177 -1.24 -5.48 12.33
N SER A 177 -1.23 -5.49 12.34
CA SER A 177 -1.06 -5.31 13.77
CA SER A 177 -1.06 -5.30 13.77
C SER A 177 -1.90 -4.16 14.30
C SER A 177 -1.92 -4.18 14.28
N ARG A 178 -1.97 -3.06 13.56
CA ARG A 178 -2.72 -1.89 14.03
C ARG A 178 -4.19 -2.23 14.24
N THR A 179 -4.80 -2.94 13.29
CA THR A 179 -6.22 -3.24 13.49
C THR A 179 -6.42 -4.37 14.50
N LEU A 180 -5.45 -5.30 14.61
CA LEU A 180 -5.52 -6.29 15.69
C LEU A 180 -5.49 -5.64 17.07
N PHE A 181 -4.58 -4.69 17.27
CA PHE A 181 -4.50 -3.95 18.52
C PHE A 181 -5.71 -3.04 18.74
N ASN A 182 -6.42 -2.66 17.68
CA ASN A 182 -7.60 -1.81 17.83
CA ASN A 182 -7.60 -1.81 17.83
C ASN A 182 -8.81 -2.59 18.33
N MET A 183 -8.79 -3.91 18.22
CA MET A 183 -9.89 -4.72 18.71
C MET A 183 -9.81 -4.81 20.22
N ARG A 184 -10.95 -4.86 20.86
CA ARG A 184 -10.93 -5.08 22.29
C ARG A 184 -10.56 -6.53 22.56
N PRO A 185 -9.64 -6.80 23.48
CA PRO A 185 -9.11 -8.17 23.60
C PRO A 185 -10.17 -9.22 23.91
N ASP A 186 -11.21 -8.88 24.67
CA ASP A 186 -12.23 -9.90 24.95
C ASP A 186 -13.11 -10.18 23.73
N ILE A 187 -13.38 -9.16 22.90
CA ILE A 187 -14.13 -9.38 21.68
C ILE A 187 -13.31 -10.20 20.69
N SER A 188 -12.02 -9.89 20.57
CA SER A 188 -11.15 -10.65 19.67
CA SER A 188 -11.16 -10.66 19.67
C SER A 188 -11.14 -12.13 20.04
N LEU A 189 -11.00 -12.42 21.34
CA LEU A 189 -11.01 -13.81 21.77
C LEU A 189 -12.35 -14.47 21.47
N HIS A 190 -13.45 -13.77 21.72
CA HIS A 190 -14.77 -14.33 21.46
C HIS A 190 -14.97 -14.68 19.99
N VAL A 191 -14.59 -13.78 19.08
CA VAL A 191 -14.71 -14.06 17.64
C VAL A 191 -13.82 -15.22 17.25
N CYS A 192 -12.61 -15.28 17.80
CA CYS A 192 -11.71 -16.39 17.49
CA CYS A 192 -11.70 -16.39 17.51
C CYS A 192 -12.31 -17.72 17.92
N GLN A 193 -12.90 -17.77 19.12
CA GLN A 193 -13.57 -18.98 19.59
C GLN A 193 -14.73 -19.34 18.68
N THR A 194 -15.52 -18.34 18.25
CA THR A 194 -16.66 -18.60 17.40
C THR A 194 -16.23 -19.19 16.06
N VAL A 195 -15.17 -18.63 15.48
CA VAL A 195 -14.70 -19.09 14.17
C VAL A 195 -14.12 -20.50 14.29
N PHE A 196 -13.25 -20.72 15.28
CA PHE A 196 -12.58 -22.01 15.37
C PHE A 196 -13.55 -23.16 15.65
N LYS A 197 -14.73 -22.89 16.20
CA LYS A 197 -15.70 -23.95 16.50
C LYS A 197 -16.69 -24.19 15.37
N THR A 198 -16.71 -23.34 14.33
CA THR A 198 -17.68 -23.47 13.26
C THR A 198 -17.30 -24.60 12.32
N ASP A 199 -18.30 -25.33 11.85
CA ASP A 199 -18.12 -26.45 10.93
C ASP A 199 -19.18 -26.31 9.84
N LEU A 200 -18.78 -25.85 8.66
CA LEU A 200 -19.71 -25.65 7.55
C LEU A 200 -19.70 -26.80 6.55
N ARG A 201 -18.97 -27.89 6.82
CA ARG A 201 -18.81 -28.92 5.80
C ARG A 201 -20.16 -29.47 5.34
N GLY A 202 -21.11 -29.62 6.26
CA GLY A 202 -22.39 -30.20 5.95
C GLY A 202 -23.32 -29.34 5.13
N VAL A 203 -23.04 -28.04 4.97
CA VAL A 203 -23.91 -27.16 4.20
C VAL A 203 -23.28 -26.66 2.92
N LEU A 204 -22.02 -26.99 2.63
CA LEU A 204 -21.37 -26.47 1.43
C LEU A 204 -22.17 -26.82 0.17
N GLY A 205 -22.76 -28.01 0.15
CA GLY A 205 -23.53 -28.43 -1.00
C GLY A 205 -24.79 -27.62 -1.24
N MET A 206 -25.23 -26.84 -0.25
CA MET A 206 -26.42 -26.02 -0.39
C MET A 206 -26.12 -24.67 -1.01
N VAL A 207 -24.85 -24.34 -1.22
CA VAL A 207 -24.49 -23.12 -1.94
C VAL A 207 -24.78 -23.33 -3.41
N ARG A 208 -25.53 -22.42 -4.02
CA ARG A 208 -25.87 -22.52 -5.45
C ARG A 208 -25.03 -21.61 -6.33
N ALA A 209 -24.49 -20.54 -5.75
CA ALA A 209 -23.78 -19.54 -6.54
C ALA A 209 -22.45 -20.08 -7.05
N PRO A 210 -22.03 -19.65 -8.24
CA PRO A 210 -20.65 -19.94 -8.65
C PRO A 210 -19.70 -19.29 -7.68
N CYS A 211 -18.54 -19.91 -7.51
CA CYS A 211 -17.59 -19.50 -6.49
CA CYS A 211 -17.59 -19.48 -6.51
C CYS A 211 -16.19 -19.48 -7.07
N VAL A 212 -15.39 -18.51 -6.62
CA VAL A 212 -13.95 -18.51 -6.84
C VAL A 212 -13.29 -18.56 -5.46
N VAL A 213 -12.48 -19.59 -5.23
CA VAL A 213 -11.72 -19.76 -4.00
C VAL A 213 -10.29 -19.29 -4.27
N VAL A 214 -9.87 -18.24 -3.58
CA VAL A 214 -8.52 -17.68 -3.76
C VAL A 214 -7.63 -18.27 -2.67
N GLN A 215 -6.56 -18.94 -3.10
CA GLN A 215 -5.67 -19.66 -2.19
C GLN A 215 -4.23 -19.27 -2.47
N THR A 216 -3.50 -18.88 -1.43
CA THR A 216 -2.10 -18.55 -1.62
C THR A 216 -1.25 -19.82 -1.55
N THR A 217 0.06 -19.67 -1.77
CA THR A 217 0.93 -20.84 -1.81
C THR A 217 1.22 -21.38 -0.42
N ARG A 218 1.00 -20.58 0.62
CA ARG A 218 1.19 -21.03 1.99
C ARG A 218 0.39 -20.10 2.88
N ASP A 219 -0.61 -20.66 3.56
CA ASP A 219 -1.54 -19.91 4.39
C ASP A 219 -1.59 -20.61 5.74
N VAL A 220 -1.22 -19.90 6.81
CA VAL A 220 -1.02 -20.56 8.09
C VAL A 220 -2.30 -21.13 8.66
N SER A 221 -3.48 -20.68 8.24
CA SER A 221 -4.68 -21.29 8.76
C SER A 221 -5.44 -22.09 7.74
N VAL A 222 -4.98 -22.17 6.49
CA VAL A 222 -5.71 -22.89 5.45
C VAL A 222 -4.77 -23.77 4.63
N PRO A 223 -4.74 -25.07 4.87
CA PRO A 223 -3.96 -25.97 4.01
C PRO A 223 -4.50 -25.94 2.58
N ALA A 224 -3.59 -26.20 1.60
CA ALA A 224 -4.03 -26.23 0.21
C ALA A 224 -5.12 -27.26 -0.03
N SER A 225 -5.11 -28.38 0.70
CA SER A 225 -6.14 -29.37 0.49
C SER A 225 -7.51 -28.88 0.95
N VAL A 226 -7.57 -27.83 1.78
CA VAL A 226 -8.87 -27.29 2.17
C VAL A 226 -9.49 -26.51 1.03
N ALA A 227 -8.66 -25.81 0.23
CA ALA A 227 -9.21 -25.17 -0.97
C ALA A 227 -9.78 -26.22 -1.91
N ALA A 228 -9.07 -27.33 -2.09
CA ALA A 228 -9.60 -28.43 -2.91
C ALA A 228 -10.89 -28.99 -2.33
N TYR A 229 -10.97 -29.08 -1.00
CA TYR A 229 -12.18 -29.56 -0.36
C TYR A 229 -13.35 -28.66 -0.68
N LEU A 230 -13.15 -27.33 -0.60
CA LEU A 230 -14.20 -26.40 -0.96
C LEU A 230 -14.65 -26.60 -2.40
N LYS A 231 -13.70 -26.72 -3.32
CA LYS A 231 -14.07 -26.98 -4.73
C LYS A 231 -14.85 -28.27 -4.86
N ALA A 232 -14.48 -29.29 -4.08
CA ALA A 232 -15.13 -30.59 -4.21
C ALA A 232 -16.56 -30.58 -3.69
N HIS A 233 -16.87 -29.73 -2.72
CA HIS A 233 -18.14 -29.82 -1.99
C HIS A 233 -19.07 -28.64 -2.15
N LEU A 234 -18.59 -27.48 -2.59
CA LEU A 234 -19.50 -26.38 -2.85
C LEU A 234 -20.48 -26.77 -3.95
N GLY A 235 -21.74 -26.34 -3.79
CA GLY A 235 -22.78 -26.75 -4.71
C GLY A 235 -22.82 -26.03 -6.05
N GLY A 236 -22.13 -24.90 -6.21
CA GLY A 236 -22.07 -24.21 -7.48
C GLY A 236 -20.76 -24.51 -8.19
N ARG A 237 -20.67 -24.06 -9.43
CA ARG A 237 -19.41 -24.16 -10.17
C ARG A 237 -18.31 -23.41 -9.44
N THR A 238 -17.20 -24.09 -9.14
CA THR A 238 -16.16 -23.52 -8.31
C THR A 238 -14.80 -23.67 -8.98
N THR A 239 -14.03 -22.58 -8.97
CA THR A 239 -12.65 -22.56 -9.46
C THR A 239 -11.76 -22.14 -8.30
N VAL A 240 -10.64 -22.84 -8.10
CA VAL A 240 -9.63 -22.37 -7.15
C VAL A 240 -8.61 -21.57 -7.93
N GLU A 241 -8.42 -20.31 -7.53
CA GLU A 241 -7.38 -19.46 -8.10
C GLU A 241 -6.19 -19.48 -7.14
N PHE A 242 -5.09 -20.06 -7.59
CA PHE A 242 -3.88 -20.14 -6.79
C PHE A 242 -3.04 -18.88 -7.04
N LEU A 243 -2.92 -18.06 -6.00
CA LEU A 243 -2.11 -16.85 -6.03
CA LEU A 243 -2.10 -16.85 -6.05
C LEU A 243 -0.65 -17.19 -5.78
N GLN A 244 0.24 -16.71 -6.65
CA GLN A 244 1.68 -16.99 -6.51
C GLN A 244 2.31 -16.01 -5.51
N THR A 245 1.89 -16.15 -4.25
CA THR A 245 2.40 -15.34 -3.15
C THR A 245 2.10 -16.09 -1.86
N GLU A 246 2.81 -15.75 -0.79
CA GLU A 246 2.62 -16.41 0.50
C GLU A 246 1.80 -15.54 1.45
N GLY A 247 0.94 -16.18 2.23
CA GLY A 247 0.32 -15.55 3.38
C GLY A 247 -1.18 -15.71 3.40
N HIS A 248 -1.76 -15.24 4.49
CA HIS A 248 -3.19 -15.30 4.72
C HIS A 248 -3.91 -14.02 4.38
N LEU A 249 -3.17 -12.93 4.13
CA LEU A 249 -3.75 -11.59 3.93
C LEU A 249 -3.27 -10.99 2.61
N PRO A 250 -3.57 -11.65 1.48
CA PRO A 250 -3.05 -11.13 0.20
C PRO A 250 -3.60 -9.77 -0.17
N HIS A 251 -4.75 -9.37 0.37
CA HIS A 251 -5.22 -8.02 0.09
C HIS A 251 -4.33 -6.96 0.74
N LEU A 252 -3.61 -7.32 1.80
CA LEU A 252 -2.64 -6.42 2.40
C LEU A 252 -1.25 -6.59 1.79
N SER A 253 -0.87 -7.83 1.50
CA SER A 253 0.52 -8.10 1.17
C SER A 253 0.80 -8.20 -0.33
N ALA A 254 -0.21 -8.47 -1.14
CA ALA A 254 -0.04 -8.59 -2.59
C ALA A 254 -1.28 -8.07 -3.31
N PRO A 255 -1.63 -6.80 -3.11
CA PRO A 255 -2.92 -6.34 -3.63
C PRO A 255 -2.97 -6.33 -5.14
N SER A 256 -1.88 -6.03 -5.84
CA SER A 256 -1.95 -6.01 -7.30
CA SER A 256 -1.92 -6.02 -7.29
C SER A 256 -2.19 -7.41 -7.84
N LEU A 257 -1.56 -8.42 -7.24
CA LEU A 257 -1.81 -9.78 -7.70
C LEU A 257 -3.24 -10.22 -7.39
N LEU A 258 -3.71 -9.93 -6.17
CA LEU A 258 -5.08 -10.29 -5.85
C LEU A 258 -6.05 -9.58 -6.78
N ALA A 259 -5.76 -8.32 -7.12
CA ALA A 259 -6.69 -7.54 -7.93
C ALA A 259 -6.91 -8.18 -9.30
N GLN A 260 -5.87 -8.77 -9.88
CA GLN A 260 -6.04 -9.37 -11.20
C GLN A 260 -7.04 -10.53 -11.13
N VAL A 261 -6.94 -11.35 -10.08
CA VAL A 261 -7.89 -12.44 -9.87
C VAL A 261 -9.29 -11.92 -9.59
N LEU A 262 -9.41 -10.88 -8.77
CA LEU A 262 -10.74 -10.36 -8.47
C LEU A 262 -11.40 -9.79 -9.72
N ARG A 263 -10.64 -9.05 -10.54
CA ARG A 263 -11.25 -8.45 -11.72
C ARG A 263 -11.72 -9.53 -12.69
N ARG A 264 -10.95 -10.61 -12.83
CA ARG A 264 -11.43 -11.71 -13.68
C ARG A 264 -12.68 -12.37 -13.09
N ALA A 265 -12.73 -12.55 -11.77
CA ALA A 265 -13.88 -13.18 -11.15
C ALA A 265 -15.12 -12.29 -11.20
N LEU A 266 -14.95 -10.97 -11.21
CA LEU A 266 -16.07 -10.05 -11.13
C LEU A 266 -16.40 -9.40 -12.46
N ALA A 267 -15.88 -9.93 -13.57
CA ALA A 267 -16.12 -9.31 -14.87
C ALA A 267 -17.54 -9.53 -15.35
N ARG A 268 -18.11 -10.69 -15.05
CA ARG A 268 -19.43 -11.05 -15.53
C ARG A 268 -20.09 -11.96 -14.51
N TYR A 269 -21.29 -11.58 -14.08
CA TYR A 269 -22.04 -12.41 -13.13
C TYR A 269 -23.50 -12.03 -13.02
N ALA B 1 -3.80 17.87 9.78
CA ALA B 1 -2.38 18.15 9.72
C ALA B 1 -1.63 17.41 10.83
N PRO B 2 -1.27 16.14 10.59
CA PRO B 2 -0.49 15.39 11.58
C PRO B 2 0.72 16.18 12.04
N SER B 3 0.89 16.26 13.37
CA SER B 3 2.04 16.93 13.97
C SER B 3 3.35 16.35 13.46
N GLY B 4 4.47 17.01 13.78
CA GLY B 4 5.76 16.46 13.41
C GLY B 4 6.05 15.14 14.09
N ALA B 5 5.73 15.02 15.38
CA ALA B 5 6.00 13.77 16.09
C ALA B 5 5.20 12.61 15.48
N LYS B 6 3.93 12.84 15.17
CA LYS B 6 3.13 11.82 14.52
C LYS B 6 3.66 11.51 13.13
N LEU B 7 4.12 12.54 12.40
CA LEU B 7 4.71 12.32 11.09
C LEU B 7 5.94 11.43 11.19
N LEU B 8 6.70 11.53 12.29
CA LEU B 8 7.89 10.69 12.39
C LEU B 8 7.49 9.22 12.31
N GLN B 9 6.35 8.87 12.90
CA GLN B 9 5.86 7.50 12.82
C GLN B 9 5.25 7.20 11.46
N ILE B 10 4.35 8.06 11.01
CA ILE B 10 3.56 7.79 9.81
C ILE B 10 4.44 7.72 8.57
N LEU B 11 5.51 8.52 8.50
CA LEU B 11 6.37 8.53 7.33
C LEU B 11 7.65 7.72 7.54
N ASN B 12 7.69 6.88 8.56
CA ASN B 12 8.76 5.90 8.73
C ASN B 12 10.13 6.57 8.81
N VAL B 13 10.21 7.64 9.61
CA VAL B 13 11.46 8.40 9.67
C VAL B 13 12.52 7.58 10.40
N ARG B 14 13.72 7.55 9.84
CA ARG B 14 14.85 6.86 10.46
C ARG B 14 16.05 7.79 10.44
N VAL B 15 16.80 7.81 11.54
CA VAL B 15 18.05 8.54 11.59
C VAL B 15 19.16 7.53 11.85
N VAL B 16 20.13 7.47 10.94
CA VAL B 16 21.23 6.51 11.05
C VAL B 16 22.54 7.26 10.86
N GLY B 17 23.62 6.63 11.29
CA GLY B 17 24.90 7.30 11.20
C GLY B 17 25.07 8.36 12.27
N SER B 18 26.14 9.14 12.12
CA SER B 18 26.41 10.21 13.07
C SER B 18 27.35 11.21 12.41
N GLY B 19 27.29 12.44 12.88
CA GLY B 19 28.20 13.47 12.43
C GLY B 19 27.57 14.84 12.58
N GLU B 20 28.41 15.87 12.43
CA GLU B 20 27.87 17.23 12.37
C GLU B 20 27.28 17.57 11.02
N ARG B 21 27.67 16.85 9.96
CA ARG B 21 27.09 17.00 8.64
C ARG B 21 25.84 16.12 8.57
N VAL B 22 24.68 16.75 8.47
CA VAL B 22 23.40 16.06 8.39
C VAL B 22 22.99 15.97 6.93
N VAL B 23 22.50 14.81 6.50
N VAL B 23 22.52 14.81 6.49
CA VAL B 23 22.06 14.56 5.13
CA VAL B 23 22.04 14.63 5.13
C VAL B 23 20.66 13.98 5.17
C VAL B 23 20.66 14.00 5.17
N VAL B 24 19.73 14.58 4.41
CA VAL B 24 18.40 14.03 4.23
C VAL B 24 18.35 13.33 2.88
N LEU B 25 17.90 12.07 2.86
CA LEU B 25 17.72 11.34 1.60
C LEU B 25 16.24 11.22 1.33
N SER B 26 15.77 11.80 0.23
CA SER B 26 14.35 11.90 -0.09
C SER B 26 14.10 11.21 -1.43
N HIS B 27 13.35 10.11 -1.40
CA HIS B 27 13.15 9.26 -2.57
C HIS B 27 12.13 9.86 -3.55
N GLY B 28 12.09 9.24 -4.74
CA GLY B 28 11.25 9.72 -5.81
C GLY B 28 10.01 8.87 -6.03
N PHE B 29 9.38 9.11 -7.17
CA PHE B 29 8.15 8.41 -7.52
C PHE B 29 8.38 6.92 -7.70
N GLY B 30 7.53 6.13 -7.05
CA GLY B 30 7.51 4.71 -7.27
C GLY B 30 8.44 3.91 -6.40
N THR B 31 9.18 4.57 -5.51
CA THR B 31 10.10 3.93 -4.58
C THR B 31 9.70 4.29 -3.16
N ASP B 32 10.49 3.81 -2.20
CA ASP B 32 10.41 4.31 -0.83
C ASP B 32 11.84 4.50 -0.37
N GLN B 33 12.05 4.68 0.94
CA GLN B 33 13.40 4.96 1.40
C GLN B 33 14.35 3.78 1.21
N SER B 34 13.83 2.56 1.02
CA SER B 34 14.67 1.40 0.75
C SER B 34 15.48 1.57 -0.54
N ALA B 35 15.08 2.48 -1.43
CA ALA B 35 15.86 2.73 -2.64
C ALA B 35 17.26 3.23 -2.32
N TRP B 36 17.46 3.77 -1.13
CA TRP B 36 18.77 4.29 -0.76
C TRP B 36 19.64 3.26 -0.08
N SER B 37 19.18 2.02 0.05
CA SER B 37 19.87 1.05 0.91
C SER B 37 21.28 0.76 0.44
N ARG B 38 21.56 0.79 -0.87
CA ARG B 38 22.90 0.44 -1.30
C ARG B 38 23.87 1.62 -1.23
N VAL B 39 23.35 2.84 -1.31
N VAL B 39 23.37 2.85 -1.33
CA VAL B 39 24.21 4.01 -1.16
CA VAL B 39 24.26 3.99 -1.16
C VAL B 39 24.46 4.32 0.31
C VAL B 39 24.45 4.36 0.30
N LEU B 40 23.51 3.99 1.17
CA LEU B 40 23.55 4.39 2.57
C LEU B 40 24.86 4.06 3.30
N PRO B 41 25.43 2.85 3.17
CA PRO B 41 26.67 2.55 3.92
C PRO B 41 27.85 3.41 3.51
N TYR B 42 27.81 4.07 2.34
CA TYR B 42 28.88 4.96 1.97
C TYR B 42 28.80 6.30 2.69
N LEU B 43 27.66 6.59 3.33
CA LEU B 43 27.46 7.89 3.94
C LEU B 43 27.43 7.86 5.46
N THR B 44 27.09 6.73 6.08
CA THR B 44 26.78 6.74 7.51
C THR B 44 28.03 6.74 8.41
N ARG B 45 29.22 6.46 7.88
CA ARG B 45 30.41 6.52 8.74
C ARG B 45 30.65 7.91 9.27
N ASP B 46 30.30 8.94 8.50
CA ASP B 46 30.66 10.30 8.92
C ASP B 46 29.59 11.34 8.61
N HIS B 47 28.36 10.92 8.31
CA HIS B 47 27.20 11.80 8.22
C HIS B 47 26.08 11.24 9.08
N ARG B 48 25.26 12.13 9.63
CA ARG B 48 23.99 11.74 10.23
C ARG B 48 22.96 11.75 9.11
N VAL B 49 22.39 10.60 8.79
CA VAL B 49 21.51 10.47 7.63
C VAL B 49 20.07 10.34 8.08
N VAL B 50 19.19 11.19 7.56
CA VAL B 50 17.76 11.15 7.83
C VAL B 50 17.07 10.55 6.62
N LEU B 51 16.33 9.47 6.81
CA LEU B 51 15.53 8.86 5.75
C LEU B 51 14.05 8.93 6.10
N TYR B 52 13.22 9.03 5.08
CA TYR B 52 11.78 9.03 5.34
C TYR B 52 11.07 8.63 4.06
N ASP B 53 9.80 8.25 4.20
CA ASP B 53 8.98 7.93 3.05
C ASP B 53 8.05 9.09 2.74
N LEU B 54 7.95 9.45 1.45
CA LEU B 54 6.89 10.36 1.04
C LEU B 54 5.54 9.76 1.37
N VAL B 55 4.55 10.62 1.60
CA VAL B 55 3.23 10.14 2.01
C VAL B 55 2.61 9.25 0.94
N CYS B 56 3.04 9.36 -0.31
CA CYS B 56 2.51 8.56 -1.39
C CYS B 56 3.20 7.21 -1.54
N ALA B 57 4.25 6.93 -0.77
CA ALA B 57 4.94 5.65 -0.87
C ALA B 57 4.03 4.50 -0.46
N GLY B 58 4.19 3.37 -1.14
CA GLY B 58 3.41 2.18 -0.82
C GLY B 58 3.69 1.63 0.56
N SER B 59 4.80 2.05 1.18
CA SER B 59 5.18 1.63 2.53
C SER B 59 4.51 2.49 3.61
N VAL B 60 3.75 3.50 3.20
CA VAL B 60 2.98 4.34 4.12
C VAL B 60 1.53 3.89 4.03
N ASN B 61 0.84 3.85 5.17
CA ASN B 61 -0.58 3.53 5.14
C ASN B 61 -1.31 4.49 4.21
N PRO B 62 -1.96 3.99 3.14
CA PRO B 62 -2.54 4.91 2.15
C PRO B 62 -3.70 5.71 2.68
N ASP B 63 -4.25 5.36 3.83
CA ASP B 63 -5.33 6.19 4.35
C ASP B 63 -4.82 7.53 4.91
N HIS B 64 -3.49 7.73 4.97
CA HIS B 64 -2.96 9.05 5.26
C HIS B 64 -2.91 9.97 4.04
N PHE B 65 -3.16 9.45 2.85
CA PHE B 65 -3.03 10.27 1.65
C PHE B 65 -4.31 11.07 1.41
N ASP B 66 -4.24 12.37 1.67
CA ASP B 66 -5.34 13.28 1.47
C ASP B 66 -5.22 13.87 0.06
N PHE B 67 -6.11 13.45 -0.84
CA PHE B 67 -6.01 13.88 -2.23
C PHE B 67 -6.16 15.39 -2.37
N ARG B 68 -6.98 16.00 -1.53
CA ARG B 68 -7.14 17.46 -1.58
C ARG B 68 -5.87 18.17 -1.13
N ARG B 69 -5.26 17.68 -0.06
CA ARG B 69 -4.09 18.36 0.50
C ARG B 69 -2.89 18.21 -0.42
N TYR B 70 -2.67 17.02 -0.97
CA TYR B 70 -1.46 16.76 -1.73
C TYR B 70 -1.64 16.98 -3.22
N ASP B 71 -2.50 17.90 -3.64
CA ASP B 71 -2.61 18.24 -5.05
C ASP B 71 -1.60 19.30 -5.47
N ASN B 72 -0.64 19.62 -4.60
CA ASN B 72 0.43 20.53 -4.94
C ASN B 72 1.65 20.10 -4.14
N LEU B 73 2.84 20.40 -4.66
CA LEU B 73 4.03 19.92 -3.99
C LEU B 73 4.32 20.65 -2.69
N ASP B 74 3.69 21.81 -2.46
CA ASP B 74 4.01 22.49 -1.21
C ASP B 74 3.52 21.72 0.00
N ALA B 75 2.49 20.87 -0.14
CA ALA B 75 2.09 20.02 0.98
C ALA B 75 3.16 18.98 1.32
N TYR B 76 3.87 18.47 0.31
CA TYR B 76 4.99 17.57 0.58
C TYR B 76 6.13 18.32 1.25
N VAL B 77 6.34 19.59 0.86
CA VAL B 77 7.34 20.42 1.52
C VAL B 77 6.99 20.61 2.98
N ASP B 78 5.71 20.86 3.28
CA ASP B 78 5.28 20.99 4.67
C ASP B 78 5.65 19.76 5.49
N ASP B 79 5.46 18.57 4.94
CA ASP B 79 5.83 17.35 5.67
C ASP B 79 7.33 17.30 5.95
N LEU B 80 8.14 17.58 4.92
CA LEU B 80 9.58 17.57 5.10
C LEU B 80 10.03 18.54 6.18
N LEU B 81 9.52 19.78 6.13
CA LEU B 81 9.90 20.78 7.13
C LEU B 81 9.43 20.36 8.52
N ALA B 82 8.24 19.74 8.61
CA ALA B 82 7.74 19.31 9.91
C ALA B 82 8.62 18.22 10.51
N ILE B 83 9.11 17.29 9.69
CA ILE B 83 10.01 16.23 10.16
C ILE B 83 11.32 16.83 10.67
N LEU B 84 11.93 17.72 9.90
CA LEU B 84 13.21 18.30 10.31
C LEU B 84 13.05 19.13 11.59
N ASP B 85 11.93 19.86 11.71
CA ASP B 85 11.67 20.61 12.94
C ASP B 85 11.47 19.69 14.13
N ALA B 86 10.76 18.57 13.94
CA ALA B 86 10.57 17.62 15.04
C ALA B 86 11.87 16.96 15.44
N LEU B 87 12.81 16.76 14.50
CA LEU B 87 14.12 16.23 14.82
C LEU B 87 15.09 17.28 15.35
N ARG B 88 14.68 18.54 15.41
CA ARG B 88 15.51 19.65 15.90
C ARG B 88 16.77 19.87 15.06
N ILE B 89 16.64 19.70 13.75
CA ILE B 89 17.77 19.84 12.83
C ILE B 89 17.77 21.27 12.29
N PRO B 90 18.80 22.07 12.54
CA PRO B 90 18.80 23.46 12.06
C PRO B 90 19.44 23.64 10.69
N ARG B 91 20.21 22.65 10.24
N ARG B 91 20.21 22.65 10.24
CA ARG B 91 20.98 22.81 9.01
CA ARG B 91 20.97 22.81 9.01
C ARG B 91 21.31 21.42 8.48
C ARG B 91 21.31 21.42 8.48
N CYS B 92 21.15 21.24 7.17
CA CYS B 92 21.38 19.93 6.56
C CYS B 92 21.64 20.10 5.07
N ALA B 93 22.15 19.02 4.46
CA ALA B 93 22.13 18.86 3.03
C ALA B 93 20.97 17.95 2.66
N PHE B 94 20.45 18.14 1.45
CA PHE B 94 19.27 17.42 1.02
C PHE B 94 19.57 16.78 -0.31
N VAL B 95 19.37 15.47 -0.40
CA VAL B 95 19.52 14.69 -1.63
C VAL B 95 18.12 14.28 -2.06
N GLY B 96 17.70 14.72 -3.23
CA GLY B 96 16.36 14.40 -3.70
C GLY B 96 16.38 13.79 -5.09
N HIS B 97 15.57 12.75 -5.26
CA HIS B 97 15.35 12.10 -6.55
C HIS B 97 13.99 12.48 -7.12
N SER B 98 13.97 12.88 -8.39
CA SER B 98 12.77 13.12 -9.20
C SER B 98 11.79 14.05 -8.46
N VAL B 99 10.60 13.58 -8.07
CA VAL B 99 9.66 14.49 -7.40
C VAL B 99 10.31 15.11 -6.15
N SER B 100 11.16 14.35 -5.47
CA SER B 100 11.84 14.93 -4.31
C SER B 100 12.89 15.96 -4.68
N ALA B 101 13.42 15.96 -5.90
CA ALA B 101 14.26 17.08 -6.30
C ALA B 101 13.44 18.37 -6.36
N MET B 102 12.21 18.28 -6.86
CA MET B 102 11.30 19.43 -6.88
C MET B 102 10.96 19.88 -5.47
N ILE B 103 10.67 18.91 -4.59
CA ILE B 103 10.41 19.21 -3.19
C ILE B 103 11.59 19.93 -2.55
N GLY B 104 12.81 19.45 -2.81
CA GLY B 104 13.98 20.07 -2.21
C GLY B 104 14.19 21.50 -2.68
N ILE B 105 13.98 21.76 -3.98
CA ILE B 105 14.07 23.12 -4.49
C ILE B 105 13.10 24.03 -3.75
N LEU B 106 11.83 23.61 -3.65
CA LEU B 106 10.83 24.41 -2.97
C LEU B 106 11.17 24.60 -1.49
N ALA B 107 11.62 23.53 -0.83
CA ALA B 107 11.95 23.62 0.58
C ALA B 107 13.12 24.56 0.83
N SER B 108 14.12 24.56 -0.07
CA SER B 108 15.27 25.44 0.11
C SER B 108 14.90 26.91 -0.06
N ILE B 109 13.82 27.19 -0.80
CA ILE B 109 13.35 28.57 -0.94
C ILE B 109 12.56 28.99 0.30
N ARG B 110 11.73 28.08 0.83
CA ARG B 110 10.96 28.42 2.02
C ARG B 110 11.85 28.58 3.24
N ARG B 111 12.90 27.78 3.37
CA ARG B 111 13.76 27.77 4.55
C ARG B 111 15.23 27.76 4.14
N PRO B 112 15.75 28.88 3.63
CA PRO B 112 17.14 28.90 3.16
C PRO B 112 18.15 28.70 4.27
N ASP B 113 17.78 29.03 5.52
CA ASP B 113 18.64 28.77 6.68
C ASP B 113 18.86 27.29 6.92
N LEU B 114 17.91 26.46 6.52
CA LEU B 114 17.92 25.04 6.83
C LEU B 114 18.67 24.21 5.80
N PHE B 115 18.68 24.62 4.54
CA PHE B 115 19.27 23.81 3.49
C PHE B 115 20.60 24.39 3.05
N ALA B 116 21.68 23.73 3.46
CA ALA B 116 23.03 24.19 3.17
C ALA B 116 23.52 23.76 1.80
N LYS B 117 22.93 22.70 1.25
CA LYS B 117 23.33 22.19 -0.06
C LYS B 117 22.23 21.27 -0.56
N LEU B 118 22.03 21.29 -1.88
CA LEU B 118 21.08 20.41 -2.54
C LEU B 118 21.83 19.49 -3.49
N VAL B 119 21.46 18.21 -3.52
CA VAL B 119 21.94 17.28 -4.54
C VAL B 119 20.70 16.74 -5.23
N LEU B 120 20.59 16.98 -6.54
CA LEU B 120 19.37 16.70 -7.30
C LEU B 120 19.65 15.59 -8.30
N ILE B 121 18.87 14.51 -8.23
CA ILE B 121 19.07 13.32 -9.06
C ILE B 121 17.80 13.09 -9.87
N GLY B 122 17.95 12.84 -11.17
CA GLY B 122 16.78 12.66 -12.02
C GLY B 122 15.86 13.86 -12.00
N ALA B 123 16.43 15.06 -12.01
CA ALA B 123 15.74 16.29 -11.64
C ALA B 123 15.32 17.12 -12.85
N SER B 124 14.11 17.67 -12.78
CA SER B 124 13.61 18.57 -13.80
C SER B 124 12.72 19.63 -13.16
N PRO B 125 12.76 20.88 -13.66
CA PRO B 125 11.82 21.89 -13.17
C PRO B 125 10.48 21.85 -13.86
N ARG B 126 10.36 21.13 -14.98
CA ARG B 126 9.14 21.07 -15.77
C ARG B 126 9.28 19.96 -16.80
N PHE B 127 8.37 18.99 -16.76
CA PHE B 127 8.45 17.85 -17.67
C PHE B 127 7.77 18.10 -19.00
N LEU B 128 6.75 18.96 -19.06
CA LEU B 128 6.08 19.24 -20.32
C LEU B 128 6.88 20.22 -21.16
N ASN B 129 6.89 20.00 -22.47
CA ASN B 129 7.49 20.97 -23.36
C ASN B 129 6.73 22.29 -23.30
N ASP B 130 7.43 23.37 -23.60
CA ASP B 130 6.82 24.69 -23.73
C ASP B 130 7.39 25.32 -24.99
N SER B 131 7.10 26.60 -25.23
CA SER B 131 7.39 27.18 -26.55
C SER B 131 8.89 27.23 -26.83
N ASP B 132 9.71 27.62 -25.86
CA ASP B 132 11.16 27.62 -26.05
C ASP B 132 11.84 26.69 -25.06
N TYR B 133 11.12 25.66 -24.60
CA TYR B 133 11.61 24.82 -23.52
C TYR B 133 11.32 23.37 -23.83
N HIS B 134 12.36 22.52 -23.80
CA HIS B 134 12.21 21.09 -24.03
C HIS B 134 12.23 20.38 -22.68
N GLY B 135 11.07 19.93 -22.23
CA GLY B 135 10.98 19.18 -20.99
C GLY B 135 11.05 17.69 -21.22
N GLY B 136 10.65 17.25 -22.42
CA GLY B 136 10.68 15.86 -22.83
C GLY B 136 9.33 15.25 -23.12
N PHE B 137 8.23 15.91 -22.78
CA PHE B 137 6.90 15.31 -22.91
C PHE B 137 5.93 16.28 -23.56
N GLU B 138 5.04 15.74 -24.39
CA GLU B 138 3.91 16.49 -24.92
C GLU B 138 2.65 16.14 -24.13
N LEU B 139 1.70 17.07 -24.15
CA LEU B 139 0.46 16.91 -23.40
C LEU B 139 -0.26 15.61 -23.77
N GLU B 140 -0.39 15.35 -25.08
CA GLU B 140 -1.15 14.19 -25.52
C GLU B 140 -0.47 12.91 -25.06
N GLU B 141 0.85 12.91 -25.06
CA GLU B 141 1.62 11.75 -24.60
C GLU B 141 1.31 11.43 -23.15
N ILE B 142 1.42 12.41 -22.26
CA ILE B 142 1.19 12.14 -20.85
C ILE B 142 -0.28 11.81 -20.59
N GLN B 143 -1.19 12.32 -21.41
CA GLN B 143 -2.59 11.96 -21.23
C GLN B 143 -2.80 10.48 -21.47
N GLN B 144 -2.10 9.91 -22.46
CA GLN B 144 -2.19 8.48 -22.71
C GLN B 144 -1.56 7.69 -21.58
N VAL B 145 -0.46 8.18 -21.02
CA VAL B 145 0.14 7.56 -19.84
C VAL B 145 -0.86 7.54 -18.69
N PHE B 146 -1.50 8.68 -18.42
CA PHE B 146 -2.50 8.73 -17.35
C PHE B 146 -3.62 7.73 -17.60
N ASP B 147 -4.10 7.62 -18.85
CA ASP B 147 -5.16 6.65 -19.14
C ASP B 147 -4.69 5.23 -18.91
N ALA B 148 -3.44 4.91 -19.30
CA ALA B 148 -2.90 3.58 -19.10
C ALA B 148 -2.78 3.24 -17.62
N MET B 149 -2.37 4.21 -16.81
CA MET B 149 -2.25 3.97 -15.37
C MET B 149 -3.60 3.62 -14.76
N GLY B 150 -4.67 4.20 -15.27
CA GLY B 150 -6.01 3.91 -14.77
C GLY B 150 -6.60 2.65 -15.35
N ALA B 151 -6.36 2.39 -16.64
CA ALA B 151 -6.99 1.25 -17.31
C ALA B 151 -6.38 -0.08 -16.87
N ASN B 152 -5.09 -0.09 -16.61
CA ASN B 152 -4.42 -1.32 -16.22
C ASN B 152 -3.12 -0.97 -15.54
N TYR B 153 -3.20 -0.61 -14.26
CA TYR B 153 -2.04 -0.13 -13.53
C TYR B 153 -0.90 -1.15 -13.55
N SER B 154 -1.21 -2.43 -13.34
N SER B 154 -1.22 -2.44 -13.33
CA SER B 154 -0.16 -3.44 -13.28
CA SER B 154 -0.18 -3.47 -13.29
C SER B 154 0.57 -3.55 -14.61
C SER B 154 0.56 -3.55 -14.61
N ALA B 155 -0.16 -3.51 -15.73
CA ALA B 155 0.50 -3.55 -17.03
C ALA B 155 1.34 -2.30 -17.24
N TRP B 156 0.83 -1.13 -16.85
CA TRP B 156 1.60 0.10 -17.00
C TRP B 156 2.90 0.01 -16.21
N ALA B 157 2.82 -0.47 -14.96
CA ALA B 157 4.01 -0.52 -14.12
C ALA B 157 5.03 -1.51 -14.66
N THR B 158 4.56 -2.65 -15.18
CA THR B 158 5.45 -3.63 -15.78
C THR B 158 6.21 -3.04 -16.96
N GLY B 159 5.54 -2.20 -17.75
CA GLY B 159 6.21 -1.58 -18.87
C GLY B 159 7.11 -0.43 -18.48
N TYR B 160 6.75 0.31 -17.43
CA TYR B 160 7.51 1.50 -17.08
C TYR B 160 8.82 1.15 -16.39
N ALA B 161 8.81 0.14 -15.53
CA ALA B 161 9.99 -0.12 -14.70
C ALA B 161 11.27 -0.31 -15.51
N PRO B 162 11.30 -1.12 -16.57
CA PRO B 162 12.56 -1.24 -17.32
C PRO B 162 12.95 0.03 -18.06
N LEU B 163 11.98 0.83 -18.49
CA LEU B 163 12.31 2.10 -19.15
C LEU B 163 12.94 3.07 -18.17
N ALA B 164 12.41 3.13 -16.95
CA ALA B 164 12.96 4.02 -15.94
C ALA B 164 14.36 3.58 -15.52
N VAL B 165 14.58 2.28 -15.31
CA VAL B 165 15.92 1.80 -14.99
C VAL B 165 16.87 2.06 -16.14
N GLY B 166 16.41 1.85 -17.37
CA GLY B 166 17.18 2.21 -18.54
C GLY B 166 18.22 1.19 -18.95
N ALA B 167 19.23 1.01 -18.11
CA ALA B 167 20.20 -0.04 -18.35
C ALA B 167 19.56 -1.40 -18.09
N ASP B 168 20.13 -2.44 -18.71
CA ASP B 168 19.63 -3.80 -18.51
C ASP B 168 20.24 -4.33 -17.22
N VAL B 169 19.59 -3.98 -16.10
CA VAL B 169 20.00 -4.39 -14.76
C VAL B 169 18.79 -5.06 -14.13
N PRO B 170 18.60 -6.37 -14.32
CA PRO B 170 17.32 -6.99 -13.91
C PRO B 170 17.00 -6.83 -12.44
N ALA B 171 18.01 -6.89 -11.56
CA ALA B 171 17.73 -6.73 -10.14
C ALA B 171 17.12 -5.37 -9.84
N ALA B 172 17.60 -4.32 -10.53
CA ALA B 172 17.05 -3.00 -10.32
C ALA B 172 15.63 -2.90 -10.85
N VAL B 173 15.36 -3.52 -12.00
CA VAL B 173 14.00 -3.53 -12.52
C VAL B 173 13.06 -4.23 -11.54
N GLN B 174 13.49 -5.37 -10.99
CA GLN B 174 12.66 -6.11 -10.04
C GLN B 174 12.39 -5.28 -8.80
N GLU B 175 13.42 -4.59 -8.30
CA GLU B 175 13.28 -3.79 -7.08
C GLU B 175 12.37 -2.59 -7.31
N PHE B 176 12.53 -1.88 -8.43
CA PHE B 176 11.65 -0.75 -8.73
C PHE B 176 10.22 -1.22 -8.95
N SER B 177 10.05 -2.32 -9.69
CA SER B 177 8.72 -2.89 -9.88
C SER B 177 8.07 -3.19 -8.55
N ARG B 178 8.84 -3.76 -7.61
CA ARG B 178 8.27 -4.13 -6.32
C ARG B 178 7.61 -2.92 -5.66
N THR B 179 8.29 -1.79 -5.64
CA THR B 179 7.70 -0.64 -4.95
C THR B 179 6.66 0.05 -5.82
N LEU B 180 6.77 -0.01 -7.15
CA LEU B 180 5.71 0.53 -7.99
C LEU B 180 4.41 -0.21 -7.77
N PHE B 181 4.48 -1.54 -7.71
CA PHE B 181 3.29 -2.35 -7.51
C PHE B 181 2.72 -2.19 -6.10
N ASN B 182 3.55 -1.70 -5.17
CA ASN B 182 3.12 -1.43 -3.80
CA ASN B 182 3.12 -1.44 -3.81
C ASN B 182 2.30 -0.15 -3.70
N MET B 183 2.37 0.74 -4.68
CA MET B 183 1.65 2.00 -4.66
C MET B 183 0.20 1.79 -5.04
N ARG B 184 -0.72 2.45 -4.34
CA ARG B 184 -2.12 2.37 -4.72
C ARG B 184 -2.29 3.03 -6.09
N PRO B 185 -3.01 2.42 -7.02
CA PRO B 185 -3.06 2.99 -8.38
C PRO B 185 -3.60 4.40 -8.42
N ASP B 186 -4.60 4.73 -7.60
CA ASP B 186 -5.15 6.08 -7.62
C ASP B 186 -4.17 7.09 -7.05
N ILE B 187 -3.41 6.70 -6.03
CA ILE B 187 -2.38 7.57 -5.49
C ILE B 187 -1.29 7.79 -6.52
N SER B 188 -0.84 6.71 -7.17
CA SER B 188 0.21 6.82 -8.17
CA SER B 188 0.21 6.82 -8.17
C SER B 188 -0.18 7.78 -9.28
N LEU B 189 -1.41 7.63 -9.81
CA LEU B 189 -1.88 8.52 -10.86
C LEU B 189 -1.93 9.97 -10.36
N HIS B 190 -2.38 10.18 -9.13
CA HIS B 190 -2.50 11.52 -8.59
C HIS B 190 -1.14 12.18 -8.43
N VAL B 191 -0.15 11.43 -7.93
CA VAL B 191 1.20 11.99 -7.79
C VAL B 191 1.77 12.34 -9.16
N CYS B 192 1.56 11.48 -10.15
CA CYS B 192 2.06 11.72 -11.48
CA CYS B 192 2.07 11.75 -11.48
C CYS B 192 1.41 12.98 -12.08
N GLN B 193 0.11 13.14 -11.87
CA GLN B 193 -0.56 14.33 -12.35
C GLN B 193 -0.03 15.57 -11.65
N THR B 194 0.24 15.47 -10.35
CA THR B 194 0.77 16.62 -9.62
C THR B 194 2.14 17.01 -10.16
N VAL B 195 3.01 16.03 -10.40
CA VAL B 195 4.34 16.33 -10.93
C VAL B 195 4.24 16.99 -12.30
N PHE B 196 3.36 16.49 -13.16
CA PHE B 196 3.27 17.04 -14.51
C PHE B 196 2.59 18.39 -14.58
N LYS B 197 1.91 18.83 -13.53
CA LYS B 197 1.38 20.19 -13.53
C LYS B 197 2.29 21.17 -12.82
N THR B 198 3.39 20.70 -12.25
CA THR B 198 4.33 21.58 -11.56
C THR B 198 5.29 22.24 -12.55
N ASP B 199 5.52 23.54 -12.37
CA ASP B 199 6.46 24.30 -13.20
C ASP B 199 7.29 25.17 -12.27
N LEU B 200 8.51 24.74 -11.98
CA LEU B 200 9.40 25.45 -11.08
C LEU B 200 10.34 26.42 -11.78
N ARG B 201 10.18 26.63 -13.09
CA ARG B 201 11.18 27.43 -13.79
C ARG B 201 11.30 28.83 -13.19
N GLY B 202 10.17 29.44 -12.82
CA GLY B 202 10.20 30.80 -12.33
C GLY B 202 10.85 30.97 -10.98
N VAL B 203 10.91 29.93 -10.15
CA VAL B 203 11.44 30.10 -8.80
C VAL B 203 12.87 29.60 -8.66
N LEU B 204 13.49 29.06 -9.72
CA LEU B 204 14.82 28.50 -9.57
C LEU B 204 15.83 29.53 -9.06
N GLY B 205 15.68 30.80 -9.46
CA GLY B 205 16.62 31.81 -9.03
C GLY B 205 16.50 32.18 -7.57
N MET B 206 15.42 31.75 -6.89
CA MET B 206 15.26 31.99 -5.47
CA MET B 206 15.27 31.98 -5.47
C MET B 206 16.05 30.99 -4.62
N VAL B 207 16.51 29.89 -5.20
CA VAL B 207 17.33 28.96 -4.45
C VAL B 207 18.66 29.62 -4.14
N ARG B 208 19.06 29.59 -2.87
CA ARG B 208 20.32 30.19 -2.45
C ARG B 208 21.38 29.16 -2.16
N ALA B 209 21.00 27.91 -1.94
CA ALA B 209 21.95 26.88 -1.59
C ALA B 209 22.79 26.45 -2.80
N PRO B 210 24.06 26.12 -2.58
CA PRO B 210 24.82 25.47 -3.65
C PRO B 210 24.13 24.17 -4.03
N CYS B 211 24.27 23.78 -5.28
CA CYS B 211 23.54 22.65 -5.83
CA CYS B 211 23.56 22.63 -5.80
C CYS B 211 24.45 21.79 -6.69
N VAL B 212 24.33 20.47 -6.57
CA VAL B 212 24.96 19.52 -7.49
C VAL B 212 23.83 18.83 -8.22
N VAL B 213 23.80 18.98 -9.55
CA VAL B 213 22.82 18.29 -10.39
C VAL B 213 23.50 17.04 -10.94
N VAL B 214 22.98 15.85 -10.59
CA VAL B 214 23.54 14.59 -11.07
C VAL B 214 22.80 14.18 -12.33
N GLN B 215 23.52 14.06 -13.45
N GLN B 215 23.55 14.04 -13.43
CA GLN B 215 22.89 13.69 -14.71
CA GLN B 215 22.97 13.69 -14.73
C GLN B 215 23.55 12.40 -15.21
C GLN B 215 23.57 12.39 -15.21
N THR B 216 22.71 11.45 -15.61
CA THR B 216 23.20 10.21 -16.19
C THR B 216 23.29 10.40 -17.70
N THR B 217 23.78 9.37 -18.40
CA THR B 217 24.00 9.53 -19.83
C THR B 217 22.71 9.41 -20.64
N ARG B 218 21.63 8.91 -20.04
N ARG B 218 21.63 8.94 -20.04
CA ARG B 218 20.32 8.94 -20.68
CA ARG B 218 20.33 8.93 -20.67
C ARG B 218 19.28 8.70 -19.60
C ARG B 218 19.27 8.69 -19.61
N ASP B 219 18.29 9.59 -19.53
CA ASP B 219 17.21 9.48 -18.57
C ASP B 219 15.92 9.66 -19.34
N VAL B 220 15.05 8.64 -19.29
CA VAL B 220 13.82 8.66 -20.08
C VAL B 220 12.95 9.87 -19.76
N SER B 221 13.06 10.43 -18.56
CA SER B 221 12.21 11.54 -18.15
CA SER B 221 12.22 11.53 -18.12
C SER B 221 12.92 12.88 -18.06
N VAL B 222 14.23 12.91 -18.30
CA VAL B 222 15.00 14.16 -18.16
C VAL B 222 15.99 14.30 -19.32
N PRO B 223 15.66 15.09 -20.34
CA PRO B 223 16.62 15.35 -21.41
C PRO B 223 17.91 15.97 -20.88
N ALA B 224 19.02 15.70 -21.57
CA ALA B 224 20.30 16.25 -21.15
C ALA B 224 20.25 17.78 -21.04
N SER B 225 19.48 18.42 -21.91
CA SER B 225 19.43 19.88 -21.90
C SER B 225 18.78 20.43 -20.64
N VAL B 226 18.02 19.59 -19.91
CA VAL B 226 17.40 20.07 -18.69
C VAL B 226 18.46 20.29 -17.61
N ALA B 227 19.47 19.43 -17.55
CA ALA B 227 20.53 19.63 -16.55
C ALA B 227 21.26 20.94 -16.80
N ALA B 228 21.52 21.27 -18.08
CA ALA B 228 22.14 22.55 -18.38
C ALA B 228 21.24 23.71 -18.01
N TYR B 229 19.92 23.53 -18.20
CA TYR B 229 18.96 24.57 -17.80
C TYR B 229 19.02 24.81 -16.29
N LEU B 230 19.02 23.73 -15.50
CA LEU B 230 19.11 23.87 -14.05
C LEU B 230 20.41 24.58 -13.66
N LYS B 231 21.53 24.22 -14.29
CA LYS B 231 22.79 24.89 -13.97
C LYS B 231 22.72 26.38 -14.31
N ALA B 232 22.05 26.74 -15.41
CA ALA B 232 22.01 28.12 -15.83
C ALA B 232 21.07 28.96 -14.97
N HIS B 233 20.04 28.36 -14.36
CA HIS B 233 19.00 29.15 -13.71
C HIS B 233 18.87 28.96 -12.21
N LEU B 234 19.39 27.89 -11.63
CA LEU B 234 19.38 27.78 -10.17
C LEU B 234 20.16 28.95 -9.57
N GLY B 235 19.66 29.48 -8.45
CA GLY B 235 20.24 30.71 -7.91
C GLY B 235 21.51 30.55 -7.10
N GLY B 236 21.88 29.33 -6.70
CA GLY B 236 23.10 29.09 -5.97
C GLY B 236 24.24 28.70 -6.89
N ARG B 237 25.40 28.46 -6.29
CA ARG B 237 26.55 27.94 -7.02
C ARG B 237 26.24 26.51 -7.43
N THR B 238 26.09 26.26 -8.73
CA THR B 238 25.59 24.98 -9.21
C THR B 238 26.61 24.32 -10.13
N THR B 239 26.77 23.02 -9.96
CA THR B 239 27.60 22.22 -10.84
C THR B 239 26.78 21.04 -11.33
N VAL B 240 27.15 20.51 -12.49
CA VAL B 240 26.57 19.28 -13.01
C VAL B 240 27.63 18.20 -12.92
N GLU B 241 27.27 17.08 -12.31
CA GLU B 241 28.14 15.92 -12.23
C GLU B 241 27.57 14.84 -13.13
N PHE B 242 28.40 14.30 -14.03
CA PHE B 242 27.98 13.33 -15.03
C PHE B 242 28.36 11.92 -14.60
N LEU B 243 27.35 11.08 -14.33
CA LEU B 243 27.60 9.67 -14.09
C LEU B 243 27.86 8.97 -15.41
N GLN B 244 28.80 8.03 -15.41
CA GLN B 244 29.21 7.33 -16.63
C GLN B 244 28.33 6.14 -16.96
N THR B 245 27.06 6.19 -16.57
CA THR B 245 26.10 5.17 -16.95
C THR B 245 24.75 5.83 -17.11
N GLU B 246 23.78 5.06 -17.57
CA GLU B 246 22.47 5.60 -17.91
C GLU B 246 21.42 5.24 -16.88
N GLY B 247 20.28 5.93 -16.98
CA GLY B 247 19.11 5.57 -16.22
C GLY B 247 18.52 6.69 -15.40
N HIS B 248 17.27 6.52 -14.99
CA HIS B 248 16.59 7.47 -14.10
C HIS B 248 16.75 7.13 -12.63
N LEU B 249 17.24 5.93 -12.30
CA LEU B 249 17.33 5.44 -10.93
C LEU B 249 18.75 4.95 -10.63
N PRO B 250 19.75 5.81 -10.72
CA PRO B 250 21.12 5.36 -10.47
C PRO B 250 21.36 4.87 -9.04
N HIS B 251 20.56 5.28 -8.06
CA HIS B 251 20.75 4.71 -6.74
C HIS B 251 20.36 3.23 -6.71
N LEU B 252 19.53 2.77 -7.64
CA LEU B 252 19.24 1.35 -7.79
C LEU B 252 20.17 0.65 -8.77
N SER B 253 20.49 1.28 -9.89
CA SER B 253 21.17 0.58 -10.97
C SER B 253 22.69 0.74 -10.92
N ALA B 254 23.20 1.81 -10.29
CA ALA B 254 24.64 2.03 -10.21
C ALA B 254 24.99 2.68 -8.88
N PRO B 255 24.64 2.04 -7.76
CA PRO B 255 24.81 2.72 -6.46
C PRO B 255 26.25 3.01 -6.11
N SER B 256 27.19 2.15 -6.48
CA SER B 256 28.58 2.45 -6.14
C SER B 256 29.07 3.68 -6.88
N LEU B 257 28.63 3.87 -8.12
CA LEU B 257 29.04 5.07 -8.85
C LEU B 257 28.38 6.30 -8.29
N LEU B 258 27.07 6.22 -8.01
CA LEU B 258 26.39 7.35 -7.42
C LEU B 258 27.02 7.73 -6.09
N ALA B 259 27.42 6.73 -5.30
CA ALA B 259 27.99 7.00 -3.99
C ALA B 259 29.27 7.83 -4.07
N GLN B 260 30.05 7.68 -5.15
CA GLN B 260 31.23 8.50 -5.33
C GLN B 260 30.86 9.95 -5.47
N VAL B 261 29.80 10.22 -6.25
CA VAL B 261 29.36 11.60 -6.45
C VAL B 261 28.83 12.17 -5.15
N LEU B 262 28.10 11.36 -4.39
CA LEU B 262 27.53 11.84 -3.14
C LEU B 262 28.62 12.15 -2.12
N ARG B 263 29.65 11.28 -2.03
CA ARG B 263 30.72 11.55 -1.08
C ARG B 263 31.41 12.87 -1.39
N ARG B 264 31.66 13.14 -2.67
N ARG B 264 31.64 13.16 -2.67
CA ARG B 264 32.28 14.42 -3.05
CA ARG B 264 32.28 14.41 -3.03
C ARG B 264 31.35 15.59 -2.79
C ARG B 264 31.35 15.59 -2.79
N ALA B 265 30.06 15.45 -3.11
CA ALA B 265 29.15 16.57 -2.99
C ALA B 265 28.82 16.88 -1.53
N LEU B 266 28.94 15.90 -0.63
CA LEU B 266 28.58 16.09 0.76
C LEU B 266 29.80 16.27 1.65
N ALA B 267 30.95 16.59 1.05
CA ALA B 267 32.18 16.70 1.81
C ALA B 267 32.18 17.94 2.70
N ARG B 268 31.82 19.08 2.14
CA ARG B 268 31.82 20.36 2.86
C ARG B 268 30.58 21.15 2.48
N TYR B 269 29.87 21.66 3.49
CA TYR B 269 28.74 22.55 3.21
C TYR B 269 28.29 23.36 4.42
N04 A1EBP C . -2.07 -18.73 15.25
C09 A1EBP C . -2.22 -18.90 13.85
C10 A1EBP C . -3.61 -18.78 13.24
O01 A1EBP C . -3.87 -19.36 12.20
C12 A1EBP C . -1.76 -20.31 13.42
C13 A1EBP C . -0.24 -20.58 13.80
C15 A1EBP C . 0.43 -21.29 12.68
C14 A1EBP C . -0.26 -21.50 15.05
N03 A1EBP C . -4.60 -17.95 13.94
C05 A1EBP C . -4.22 -17.32 15.05
C11 A1EBP C . -3.05 -17.94 15.92
O02 A1EBP C . -2.97 -17.72 17.07
C06 A1EBP C . -5.59 -17.24 15.90
C08 A1EBP C . -6.64 -16.90 14.81
C07 A1EBP C . -6.17 -17.53 13.66
C1 GOL D . -8.47 -33.14 1.95
O1 GOL D . -8.75 -34.46 1.68
C2 GOL D . -8.96 -32.92 3.37
O2 GOL D . -8.12 -33.52 4.29
C3 GOL D . -9.06 -31.39 3.52
O3 GOL D . -7.80 -30.89 3.82
C1 GOL E . -27.78 1.80 -2.74
O1 GOL E . -29.14 2.08 -2.78
C2 GOL E . -27.24 1.89 -4.17
O2 GOL E . -25.90 2.26 -4.21
C3 GOL E . -27.46 0.49 -4.77
O3 GOL E . -26.46 0.31 -5.74
C1 GOL F . -17.92 -17.97 21.45
O1 GOL F . -18.66 -18.69 20.49
C2 GOL F . -18.36 -18.48 22.84
O2 GOL F . -18.90 -19.77 22.77
C3 GOL F . -17.09 -18.43 23.69
O3 GOL F . -17.41 -18.91 24.97
C BEZ G . -8.59 -17.15 10.08
O1 BEZ G . -8.41 -15.97 9.72
O2 BEZ G . -8.37 -18.08 9.27
C1 BEZ G . -9.08 -17.45 11.45
C2 BEZ G . -9.06 -18.76 11.91
C3 BEZ G . -9.52 -19.05 13.20
C4 BEZ G . -9.99 -18.02 14.01
C5 BEZ G . -10.01 -16.71 13.54
C6 BEZ G . -9.55 -16.43 12.26
C1 PDO H . -15.37 -18.44 -12.19
O1 PDO H . -15.28 -17.03 -12.21
C2 PDO H . -16.82 -18.85 -12.36
C3 PDO H . -17.27 -19.70 -11.18
O3 PDO H . -16.31 -20.72 -10.96
C1 BU1 I . 1.02 -18.87 20.43
C1 BU1 I . 1.20 -18.72 20.74
C2 BU1 I . 2.04 -18.20 19.51
C2 BU1 I . 1.92 -18.04 19.60
C3 BU1 I . 1.41 -17.66 18.23
C3 BU1 I . 0.94 -17.42 18.61
C4 BU1 I . 0.87 -16.24 18.40
C4 BU1 I . 0.97 -18.06 17.24
O5 BU1 I . 1.25 -18.43 21.75
O5 BU1 I . 0.51 -19.84 20.22
O6 BU1 I . 1.86 -15.39 18.92
O6 BU1 I . 0.01 -19.10 17.14
C1 GOL J . 16.09 23.17 -23.93
O1 GOL J . 14.75 23.46 -24.05
C2 GOL J . 16.48 23.64 -22.54
O2 GOL J . 16.18 24.99 -22.38
C3 GOL J . 15.67 22.73 -21.57
O3 GOL J . 15.74 21.40 -22.05
C1 GOL K . 7.95 29.57 -3.12
C1 GOL K . 8.16 29.50 -3.08
O1 GOL K . 8.34 28.95 -4.31
O1 GOL K . 8.32 30.84 -2.77
C2 GOL K . 7.31 28.46 -2.24
C2 GOL K . 7.80 28.78 -1.76
O2 GOL K . 6.37 27.74 -2.94
O2 GOL K . 8.33 29.42 -0.65
C3 GOL K . 8.49 27.59 -1.78
C3 GOL K . 8.36 27.34 -1.91
O3 GOL K . 7.98 26.71 -0.82
O3 GOL K . 7.97 26.65 -0.78
C1 GOL L . -6.09 -2.35 -12.94
O1 GOL L . -6.87 -3.29 -13.47
C2 GOL L . -6.89 -1.12 -12.71
O2 GOL L . -6.07 -0.04 -13.06
C3 GOL L . -8.17 -1.32 -13.66
O3 GOL L . -9.36 -0.73 -13.10
C1 PDO M . 32.51 2.29 3.05
O1 PDO M . 33.69 3.07 3.03
C2 PDO M . 32.48 1.43 1.80
C3 PDO M . 31.76 0.13 2.03
O3 PDO M . 30.41 0.40 2.35
C1 PGO N . 8.24 11.41 -12.82
C2 PGO N . 9.68 11.52 -12.36
C3 PGO N . 10.60 11.90 -13.49
O1 PGO N . 8.01 12.32 -13.88
O2 PGO N . 10.12 10.30 -11.80
#